data_5YV5
#
_entry.id   5YV5
#
_cell.length_a   60.011
_cell.length_b   64.731
_cell.length_c   147.073
_cell.angle_alpha   90.00
_cell.angle_beta   90.00
_cell.angle_gamma   90.00
#
_symmetry.space_group_name_H-M   'P 21 21 21'
#
loop_
_entity.id
_entity.type
_entity.pdbx_description
1 polymer 'ATPase RIL'
2 polymer 'Archaeal ribosomal stalk protein aP1'
3 non-polymer "ADENOSINE-5'-DIPHOSPHATE"
4 non-polymer 'MAGNESIUM ION'
5 water water
#
loop_
_entity_poly.entity_id
_entity_poly.type
_entity_poly.pdbx_seq_one_letter_code
_entity_poly.pdbx_strand_id
1 'polypeptide(L)'
;MGSSHHHHHHSSGLVPRGSHLEEDCVHRYGVNAFVLYRLPVVKEGMVVGIVGPNGTGKSTAVKILAGQLIPNLCGDNDSW
DGVIRAFRGNELQNYFEKLKNGEIRPVVKPQYVDLIPKAVKGKVIELLKKADETGKLEEVVKALELENVLDREIQHLSGG
ELQRVAIAAALLRNATFYFFDEPSSYLDIRQRLNAARAIRRLSEEGKSVLVVEHDLAVLDYLSDIIHVVYGEPGVYGIFS
QPKGTRNGINEFLRGYLKDENVRFRPYEIKFTKTGERVEIERETLVTYPRLVKDYGSFRLEVEPGEIKKGEVIGIVGPNG
IGKTTFVKMLAGVEEPTEGKIEWDLTVAYKPQYIKADYEGTVYELLSKIDASKLNSNFYKTELLKPLGIIDLYDREVNEL
SGGELQRVAIAATLLRDADIYLLDEPSAYLDVEQRLAVSRAIRHLMEKNEKTALVVEHDVLMIDYVSDRLMVFEGEPGKY
GRALPPMGMREGMNRFLASIGITFRRDPDTGRPRANKEGSVKDREQKEKGEYYYIA
;
A
2 'polypeptide(L)' EEEVSEEEALAGLSALFG B
#
loop_
_chem_comp.id
_chem_comp.type
_chem_comp.name
_chem_comp.formula
ADP non-polymer ADENOSINE-5'-DIPHOSPHATE 'C10 H15 N5 O10 P2'
MG non-polymer 'MAGNESIUM ION' 'Mg 2'
#
# COMPACT_ATOMS: atom_id res chain seq x y z
N SER A 19 24.27 11.91 -13.00
CA SER A 19 23.64 11.77 -11.64
C SER A 19 24.60 12.24 -10.55
N HIS A 20 24.08 12.41 -9.34
CA HIS A 20 24.88 12.86 -8.18
C HIS A 20 25.53 14.24 -8.39
N LEU A 21 24.88 15.13 -9.13
CA LEU A 21 25.41 16.48 -9.38
C LEU A 21 25.24 17.38 -8.15
N GLU A 22 26.17 18.32 -7.97
CA GLU A 22 26.21 19.14 -6.76
C GLU A 22 25.04 20.13 -6.70
N GLU A 23 24.73 20.76 -7.83
CA GLU A 23 23.60 21.68 -7.93
C GLU A 23 22.24 21.00 -7.66
N ASP A 24 22.15 19.70 -7.95
CA ASP A 24 20.93 18.91 -7.71
C ASP A 24 20.82 18.38 -6.27
N CYS A 25 21.80 18.67 -5.43
CA CYS A 25 21.82 18.20 -4.05
C CYS A 25 20.91 19.08 -3.21
N VAL A 26 19.77 18.55 -2.80
CA VAL A 26 18.73 19.35 -2.19
C VAL A 26 18.84 19.42 -0.68
N HIS A 27 19.10 18.29 -0.03
CA HIS A 27 19.18 18.29 1.43
C HIS A 27 20.01 17.14 1.97
N ARG A 28 20.78 17.43 3.01
CA ARG A 28 21.61 16.46 3.69
C ARG A 28 21.28 16.54 5.17
N TYR A 29 20.86 15.42 5.76
CA TYR A 29 20.66 15.37 7.21
C TYR A 29 22.01 15.24 7.90
N GLY A 30 22.22 16.05 8.93
CA GLY A 30 23.52 16.14 9.58
C GLY A 30 23.84 14.91 10.40
N VAL A 31 22.91 14.56 11.29
CA VAL A 31 23.05 13.38 12.16
C VAL A 31 22.45 12.18 11.43
N ASN A 32 23.11 11.77 10.34
CA ASN A 32 22.57 10.77 9.40
C ASN A 32 23.45 10.71 8.14
N ALA A 33 23.69 11.89 7.54
CA ALA A 33 24.37 12.00 6.26
C ALA A 33 23.51 11.55 5.06
N PHE A 34 22.23 11.24 5.27
CA PHE A 34 21.35 10.94 4.15
C PHE A 34 21.27 12.18 3.25
N VAL A 35 21.39 11.96 1.95
CA VAL A 35 21.34 13.05 1.00
C VAL A 35 20.20 12.85 -0.02
N LEU A 36 19.43 13.92 -0.26
CA LEU A 36 18.37 13.92 -1.28
C LEU A 36 18.80 14.73 -2.49
N TYR A 37 18.67 14.14 -3.67
CA TYR A 37 18.90 14.84 -4.94
C TYR A 37 17.61 15.06 -5.70
N ARG A 38 17.40 16.29 -6.15
CA ARG A 38 16.27 16.68 -7.00
C ARG A 38 14.94 16.65 -6.26
N LEU A 39 13.93 17.23 -6.90
CA LEU A 39 12.58 17.31 -6.36
C LEU A 39 11.57 17.03 -7.47
N PRO A 40 10.37 16.57 -7.09
CA PRO A 40 9.32 16.40 -8.07
C PRO A 40 8.70 17.74 -8.48
N VAL A 41 8.15 17.77 -9.69
CA VAL A 41 7.32 18.86 -10.16
C VAL A 41 5.95 18.83 -9.49
N VAL A 42 5.37 20.00 -9.25
CA VAL A 42 3.96 20.11 -8.85
C VAL A 42 3.25 20.98 -9.88
N LYS A 43 2.01 20.62 -10.23
CA LYS A 43 1.27 21.32 -11.29
C LYS A 43 -0.22 21.39 -10.97
N GLU A 44 -0.76 22.61 -10.95
CA GLU A 44 -2.19 22.83 -10.85
C GLU A 44 -2.93 22.10 -11.94
N GLY A 45 -4.04 21.45 -11.59
CA GLY A 45 -4.82 20.66 -12.54
C GLY A 45 -4.28 19.27 -12.82
N MET A 46 -3.23 18.86 -12.10
CA MET A 46 -2.55 17.57 -12.30
C MET A 46 -2.32 16.86 -10.97
N VAL A 47 -2.31 15.53 -11.00
CA VAL A 47 -1.88 14.73 -9.84
C VAL A 47 -0.48 14.21 -10.13
N VAL A 48 0.47 14.55 -9.28
CA VAL A 48 1.83 14.03 -9.43
C VAL A 48 2.04 12.95 -8.40
N GLY A 49 2.33 11.75 -8.88
CA GLY A 49 2.55 10.59 -8.04
C GLY A 49 4.03 10.29 -7.84
N ILE A 50 4.37 9.81 -6.64
CA ILE A 50 5.75 9.49 -6.26
C ILE A 50 5.80 8.05 -5.77
N VAL A 51 6.70 7.27 -6.36
CA VAL A 51 6.85 5.87 -6.00
C VAL A 51 8.33 5.53 -5.77
N GLY A 52 8.61 4.84 -4.67
CA GLY A 52 9.93 4.33 -4.43
C GLY A 52 10.09 3.68 -3.07
N PRO A 53 11.18 2.92 -2.87
CA PRO A 53 11.43 2.26 -1.60
C PRO A 53 11.56 3.25 -0.47
N ASN A 54 11.26 2.81 0.75
CA ASN A 54 11.38 3.71 1.88
C ASN A 54 12.85 3.99 2.19
N GLY A 55 13.07 5.12 2.85
CA GLY A 55 14.41 5.60 3.16
C GLY A 55 15.09 6.32 2.01
N THR A 56 14.34 6.71 0.97
CA THR A 56 14.93 7.37 -0.18
C THR A 56 14.57 8.87 -0.34
N GLY A 57 13.86 9.43 0.64
CA GLY A 57 13.58 10.86 0.65
C GLY A 57 12.23 11.32 0.15
N LYS A 58 11.25 10.42 0.07
CA LYS A 58 9.93 10.77 -0.43
C LYS A 58 9.27 11.81 0.49
N SER A 59 9.21 11.51 1.79
CA SER A 59 8.64 12.43 2.76
C SER A 59 9.48 13.70 2.93
N THR A 60 10.80 13.57 2.85
CA THR A 60 11.68 14.73 2.88
C THR A 60 11.27 15.74 1.79
N ALA A 61 11.04 15.25 0.57
CA ALA A 61 10.63 16.11 -0.54
C ALA A 61 9.29 16.80 -0.26
N VAL A 62 8.36 16.06 0.33
CA VAL A 62 7.05 16.60 0.70
C VAL A 62 7.19 17.70 1.78
N LYS A 63 8.02 17.48 2.78
CA LYS A 63 8.25 18.47 3.83
C LYS A 63 8.82 19.76 3.26
N ILE A 64 9.74 19.62 2.31
CA ILE A 64 10.37 20.78 1.68
C ILE A 64 9.34 21.57 0.89
N LEU A 65 8.65 20.91 -0.03
CA LEU A 65 7.64 21.57 -0.87
C LEU A 65 6.49 22.17 -0.04
N ALA A 66 6.20 21.56 1.11
CA ALA A 66 5.17 22.08 1.99
C ALA A 66 5.61 23.32 2.78
N GLY A 67 6.92 23.58 2.85
CA GLY A 67 7.45 24.72 3.59
C GLY A 67 7.75 24.39 5.04
N GLN A 68 7.70 23.11 5.40
CA GLN A 68 7.94 22.67 6.77
C GLN A 68 9.43 22.46 7.04
N LEU A 69 10.20 22.24 5.99
CA LEU A 69 11.65 22.09 6.10
C LEU A 69 12.34 22.96 5.06
N ILE A 70 13.14 23.92 5.53
CA ILE A 70 13.98 24.72 4.64
C ILE A 70 15.17 23.84 4.27
N PRO A 71 15.31 23.51 2.98
CA PRO A 71 16.42 22.63 2.59
C PRO A 71 17.77 23.34 2.69
N ASN A 72 18.80 22.60 3.08
CA ASN A 72 20.13 23.17 3.35
C ASN A 72 21.03 23.10 2.13
N LEU A 73 20.51 22.51 1.06
CA LEU A 73 21.22 22.39 -0.22
C LEU A 73 22.52 21.63 -0.10
N CYS A 74 22.56 20.69 0.85
CA CYS A 74 23.75 19.91 1.18
C CYS A 74 24.94 20.80 1.60
N GLY A 75 24.63 21.98 2.11
CA GLY A 75 25.61 22.90 2.68
C GLY A 75 25.08 23.40 4.01
N ASP A 76 25.00 24.72 4.17
CA ASP A 76 24.47 25.32 5.40
C ASP A 76 23.35 26.34 5.13
N ASN A 77 22.71 26.29 3.97
CA ASN A 77 21.58 27.18 3.67
C ASN A 77 20.52 27.09 4.77
N ASP A 78 19.97 28.24 5.16
CA ASP A 78 18.91 28.28 6.16
C ASP A 78 17.77 29.25 5.82
N SER A 79 17.63 29.60 4.54
CA SER A 79 16.56 30.49 4.10
C SER A 79 16.01 30.09 2.75
N TRP A 80 14.80 30.58 2.46
CA TRP A 80 14.13 30.35 1.20
C TRP A 80 14.81 31.09 0.07
N ASP A 81 15.43 32.23 0.39
CA ASP A 81 16.20 32.99 -0.59
C ASP A 81 17.29 32.13 -1.24
N GLY A 82 18.04 31.39 -0.42
CA GLY A 82 19.05 30.47 -0.94
C GLY A 82 18.49 29.37 -1.83
N VAL A 83 17.29 28.89 -1.52
CA VAL A 83 16.62 27.87 -2.32
C VAL A 83 16.19 28.45 -3.66
N ILE A 84 15.55 29.61 -3.61
CA ILE A 84 15.11 30.32 -4.82
C ILE A 84 16.26 30.53 -5.80
N ARG A 85 17.43 30.93 -5.31
CA ARG A 85 18.62 31.10 -6.15
C ARG A 85 19.11 29.77 -6.72
N ALA A 86 19.11 28.73 -5.89
CA ALA A 86 19.57 27.41 -6.32
C ALA A 86 18.70 26.84 -7.43
N PHE A 87 17.43 27.19 -7.45
CA PHE A 87 16.49 26.72 -8.47
C PHE A 87 16.31 27.71 -9.62
N ARG A 88 17.28 28.59 -9.84
CA ARG A 88 17.29 29.48 -11.01
C ARG A 88 17.08 28.67 -12.29
N GLY A 89 16.13 29.10 -13.11
CA GLY A 89 15.83 28.42 -14.37
C GLY A 89 15.07 27.11 -14.22
N ASN A 90 14.48 26.90 -13.04
CA ASN A 90 13.66 25.72 -12.78
C ASN A 90 12.26 26.22 -12.52
N GLU A 91 11.25 25.49 -13.02
CA GLU A 91 9.86 25.87 -12.81
C GLU A 91 9.47 25.97 -11.33
N LEU A 92 10.25 25.35 -10.46
CA LEU A 92 10.05 25.46 -9.01
C LEU A 92 10.53 26.79 -8.40
N GLN A 93 11.30 27.59 -9.14
CA GLN A 93 11.78 28.87 -8.60
C GLN A 93 10.60 29.74 -8.17
N ASN A 94 9.63 29.93 -9.06
CA ASN A 94 8.47 30.74 -8.72
C ASN A 94 7.62 30.11 -7.63
N TYR A 95 7.54 28.77 -7.65
CA TYR A 95 6.83 28.05 -6.59
C TYR A 95 7.39 28.41 -5.21
N PHE A 96 8.71 28.35 -5.07
CA PHE A 96 9.35 28.65 -3.77
C PHE A 96 9.24 30.13 -3.38
N GLU A 97 9.26 31.03 -4.37
CA GLU A 97 9.03 32.46 -4.11
C GLU A 97 7.66 32.63 -3.44
N LYS A 98 6.63 32.06 -4.06
CA LYS A 98 5.27 32.11 -3.52
C LYS A 98 5.18 31.47 -2.14
N LEU A 99 5.89 30.37 -1.95
CA LEU A 99 5.94 29.69 -0.66
C LEU A 99 6.57 30.61 0.38
N LYS A 100 7.71 31.19 0.04
CA LYS A 100 8.40 32.17 0.90
C LYS A 100 7.48 33.31 1.31
N ASN A 101 6.72 33.85 0.36
CA ASN A 101 5.90 35.04 0.61
C ASN A 101 4.52 34.72 1.19
N GLY A 102 4.18 33.44 1.30
CA GLY A 102 2.91 33.03 1.88
C GLY A 102 1.74 33.15 0.92
N GLU A 103 2.02 33.30 -0.38
CA GLU A 103 0.97 33.24 -1.40
C GLU A 103 0.42 31.82 -1.50
N ILE A 104 1.25 30.83 -1.22
CA ILE A 104 0.78 29.44 -1.15
C ILE A 104 1.14 28.84 0.19
N ARG A 105 0.33 27.88 0.62
CA ARG A 105 0.51 27.23 1.90
C ARG A 105 -0.07 25.82 1.77
N PRO A 106 0.74 24.88 1.26
CA PRO A 106 0.20 23.57 0.92
C PRO A 106 -0.46 22.86 2.10
N VAL A 107 -1.54 22.14 1.82
CA VAL A 107 -2.21 21.31 2.81
C VAL A 107 -1.54 19.94 2.76
N VAL A 108 -1.10 19.44 3.91
CA VAL A 108 -0.34 18.19 3.97
C VAL A 108 -1.04 17.15 4.86
N LYS A 109 -1.44 16.05 4.23
CA LYS A 109 -1.87 14.85 4.93
C LYS A 109 -0.60 14.04 5.17
N PRO A 110 -0.07 14.10 6.39
CA PRO A 110 1.23 13.48 6.62
C PRO A 110 1.19 11.95 6.78
N GLN A 111 2.37 11.35 6.70
CA GLN A 111 2.53 9.91 6.81
C GLN A 111 2.18 9.35 8.19
N TYR A 112 2.51 10.11 9.23
CA TYR A 112 2.51 9.61 10.60
C TYR A 112 1.15 9.79 11.29
N VAL A 113 0.10 9.24 10.68
CA VAL A 113 -1.26 9.36 11.22
C VAL A 113 -1.44 8.68 12.59
N ASP A 114 -0.56 7.74 12.91
CA ASP A 114 -0.50 7.09 14.23
C ASP A 114 -0.39 8.09 15.37
N LEU A 115 0.27 9.21 15.10
CA LEU A 115 0.58 10.20 16.11
C LEU A 115 -0.52 11.23 16.30
N ILE A 116 -1.60 11.15 15.53
CA ILE A 116 -2.71 12.13 15.63
C ILE A 116 -3.30 12.27 17.04
N PRO A 117 -3.48 11.14 17.75
CA PRO A 117 -4.00 11.22 19.13
C PRO A 117 -3.12 12.03 20.09
N LYS A 118 -1.82 12.05 19.86
CA LYS A 118 -0.90 12.80 20.72
C LYS A 118 -0.94 14.30 20.43
N ALA A 119 -1.32 14.67 19.20
CA ALA A 119 -1.34 16.08 18.76
C ALA A 119 -2.70 16.75 18.88
N VAL A 120 -3.77 15.96 18.97
CA VAL A 120 -5.13 16.49 18.91
C VAL A 120 -6.07 15.74 19.85
N LYS A 121 -7.00 16.47 20.46
CA LYS A 121 -7.96 15.91 21.41
C LYS A 121 -9.40 16.08 20.93
N GLY A 122 -10.34 15.49 21.65
CA GLY A 122 -11.77 15.72 21.42
C GLY A 122 -12.42 14.80 20.41
N LYS A 123 -13.66 15.11 20.05
CA LYS A 123 -14.43 14.31 19.09
C LYS A 123 -13.97 14.57 17.67
N VAL A 124 -14.28 13.61 16.80
CA VAL A 124 -13.92 13.70 15.39
C VAL A 124 -14.70 14.81 14.69
N ILE A 125 -16.01 14.86 14.93
CA ILE A 125 -16.85 15.88 14.29
C ILE A 125 -16.33 17.29 14.59
N GLU A 126 -15.85 17.52 15.80
CA GLU A 126 -15.29 18.82 16.18
C GLU A 126 -14.12 19.21 15.27
N LEU A 127 -13.26 18.24 14.96
CA LEU A 127 -12.05 18.50 14.20
C LEU A 127 -12.32 18.75 12.73
N LEU A 128 -13.29 18.03 12.17
CA LEU A 128 -13.64 18.21 10.76
C LEU A 128 -14.41 19.50 10.53
N LYS A 129 -15.18 19.93 11.54
CA LYS A 129 -15.85 21.23 11.50
C LYS A 129 -14.83 22.34 11.30
N LYS A 130 -13.80 22.35 12.16
CA LYS A 130 -12.73 23.36 12.07
C LYS A 130 -12.09 23.36 10.69
N ALA A 131 -11.75 22.17 10.19
CA ALA A 131 -11.08 22.02 8.91
C ALA A 131 -11.97 22.38 7.70
N ASP A 132 -13.28 22.40 7.89
CA ASP A 132 -14.21 22.73 6.81
C ASP A 132 -14.09 24.20 6.39
N GLU A 133 -13.39 24.43 5.28
CA GLU A 133 -13.31 25.75 4.65
C GLU A 133 -13.99 25.75 3.28
N THR A 134 -14.61 24.62 2.93
CA THR A 134 -15.24 24.44 1.61
C THR A 134 -16.75 24.18 1.67
N GLY A 135 -17.27 23.89 2.86
CA GLY A 135 -18.68 23.53 3.05
C GLY A 135 -19.08 22.19 2.46
N LYS A 136 -18.13 21.26 2.37
CA LYS A 136 -18.41 19.94 1.80
C LYS A 136 -18.28 18.84 2.86
N LEU A 137 -18.49 19.19 4.12
CA LEU A 137 -18.32 18.26 5.24
C LEU A 137 -19.11 16.96 5.02
N GLU A 138 -20.40 17.10 4.72
CA GLU A 138 -21.26 15.94 4.48
C GLU A 138 -20.78 15.06 3.31
N GLU A 139 -20.34 15.72 2.22
CA GLU A 139 -19.88 15.00 1.02
C GLU A 139 -18.59 14.21 1.26
N VAL A 140 -17.67 14.80 2.00
CA VAL A 140 -16.40 14.18 2.36
C VAL A 140 -16.60 13.05 3.37
N VAL A 141 -17.42 13.32 4.40
CA VAL A 141 -17.77 12.30 5.39
C VAL A 141 -18.37 11.07 4.70
N LYS A 142 -19.18 11.33 3.66
CA LYS A 142 -19.80 10.26 2.90
C LYS A 142 -18.75 9.47 2.14
N ALA A 143 -18.01 10.16 1.27
CA ALA A 143 -17.01 9.52 0.39
C ALA A 143 -16.01 8.65 1.14
N LEU A 144 -15.61 9.07 2.34
CA LEU A 144 -14.70 8.30 3.19
C LEU A 144 -15.44 7.46 4.24
N GLU A 145 -16.78 7.46 4.17
CA GLU A 145 -17.62 6.61 5.03
C GLU A 145 -17.29 6.79 6.51
N LEU A 146 -17.34 8.04 6.97
CA LEU A 146 -16.96 8.38 8.34
C LEU A 146 -18.16 8.60 9.27
N GLU A 147 -19.35 8.26 8.79
CA GLU A 147 -20.60 8.53 9.55
C GLU A 147 -20.59 7.91 10.94
N ASN A 148 -20.08 6.69 11.06
CA ASN A 148 -20.06 5.98 12.34
C ASN A 148 -18.88 6.38 13.21
N VAL A 149 -18.03 7.27 12.72
CA VAL A 149 -16.84 7.72 13.45
C VAL A 149 -16.99 9.15 14.00
N LEU A 150 -17.99 9.88 13.51
CA LEU A 150 -18.13 11.32 13.82
C LEU A 150 -18.19 11.64 15.31
N ASP A 151 -18.88 10.80 16.08
CA ASP A 151 -19.06 11.05 17.51
C ASP A 151 -17.96 10.41 18.37
N ARG A 152 -17.09 9.61 17.75
CA ARG A 152 -15.97 9.02 18.47
C ARG A 152 -14.95 10.08 18.86
N GLU A 153 -14.26 9.83 19.97
CA GLU A 153 -13.12 10.63 20.38
C GLU A 153 -11.84 10.01 19.80
N ILE A 154 -10.90 10.88 19.43
CA ILE A 154 -9.71 10.49 18.66
C ILE A 154 -8.91 9.34 19.32
N GLN A 155 -8.88 9.33 20.65
CA GLN A 155 -8.23 8.26 21.42
C GLN A 155 -8.76 6.84 21.10
N HIS A 156 -10.00 6.74 20.63
CA HIS A 156 -10.65 5.45 20.37
C HIS A 156 -10.80 5.14 18.87
N LEU A 157 -9.98 5.77 18.03
CA LEU A 157 -9.98 5.50 16.59
C LEU A 157 -8.93 4.48 16.22
N SER A 158 -9.24 3.64 15.24
CA SER A 158 -8.28 2.69 14.68
C SER A 158 -7.29 3.43 13.79
N GLY A 159 -6.20 2.76 13.44
CA GLY A 159 -5.24 3.29 12.47
C GLY A 159 -5.94 3.73 11.20
N GLY A 160 -6.81 2.87 10.67
CA GLY A 160 -7.55 3.15 9.45
C GLY A 160 -8.51 4.32 9.54
N GLU A 161 -9.11 4.51 10.71
CA GLU A 161 -10.00 5.65 10.93
C GLU A 161 -9.21 6.94 11.07
N LEU A 162 -8.08 6.88 11.77
CA LEU A 162 -7.18 8.03 11.86
C LEU A 162 -6.73 8.47 10.47
N GLN A 163 -6.43 7.52 9.60
CA GLN A 163 -6.02 7.81 8.23
C GLN A 163 -7.13 8.54 7.46
N ARG A 164 -8.36 8.04 7.57
CA ARG A 164 -9.47 8.63 6.81
C ARG A 164 -9.91 9.99 7.35
N VAL A 165 -9.76 10.20 8.66
CA VAL A 165 -10.03 11.51 9.27
C VAL A 165 -8.97 12.53 8.80
N ALA A 166 -7.73 12.08 8.61
CA ALA A 166 -6.66 12.94 8.13
C ALA A 166 -6.90 13.33 6.67
N ILE A 167 -7.22 12.34 5.84
CA ILE A 167 -7.56 12.60 4.44
C ILE A 167 -8.78 13.53 4.35
N ALA A 168 -9.78 13.28 5.19
CA ALA A 168 -10.99 14.11 5.23
C ALA A 168 -10.64 15.57 5.53
N ALA A 169 -9.84 15.79 6.58
CA ALA A 169 -9.44 17.13 6.98
C ALA A 169 -8.65 17.87 5.89
N ALA A 170 -7.83 17.14 5.13
CA ALA A 170 -7.07 17.72 4.02
C ALA A 170 -7.99 18.08 2.85
N LEU A 171 -8.95 17.20 2.57
CA LEU A 171 -9.90 17.42 1.49
C LEU A 171 -10.83 18.61 1.76
N LEU A 172 -11.07 18.90 3.03
CA LEU A 172 -11.98 19.96 3.44
C LEU A 172 -11.35 21.35 3.46
N ARG A 173 -10.03 21.42 3.54
CA ARG A 173 -9.33 22.72 3.50
C ARG A 173 -9.42 23.32 2.11
N ASN A 174 -9.41 24.66 2.06
CA ASN A 174 -9.35 25.37 0.79
C ASN A 174 -7.91 25.85 0.59
N ALA A 175 -7.30 25.38 -0.48
CA ALA A 175 -5.96 25.78 -0.84
C ALA A 175 -5.77 25.47 -2.31
N THR A 176 -4.55 25.64 -2.80
CA THR A 176 -4.19 25.29 -4.17
C THR A 176 -3.39 23.98 -4.25
N PHE A 177 -2.51 23.77 -3.27
CA PHE A 177 -1.62 22.61 -3.28
C PHE A 177 -1.97 21.66 -2.14
N TYR A 178 -2.20 20.39 -2.49
CA TYR A 178 -2.56 19.36 -1.51
C TYR A 178 -1.60 18.19 -1.64
N PHE A 179 -0.89 17.88 -0.55
CA PHE A 179 0.11 16.81 -0.54
C PHE A 179 -0.36 15.67 0.37
N PHE A 180 -0.39 14.46 -0.18
CA PHE A 180 -0.81 13.27 0.56
C PHE A 180 0.32 12.25 0.63
N ASP A 181 0.86 12.05 1.83
CA ASP A 181 1.96 11.13 2.03
C ASP A 181 1.42 9.78 2.49
N GLU A 182 1.40 8.81 1.57
CA GLU A 182 1.02 7.42 1.86
C GLU A 182 -0.40 7.26 2.43
N PRO A 183 -1.41 7.78 1.69
CA PRO A 183 -2.78 7.72 2.18
C PRO A 183 -3.40 6.31 2.23
N SER A 184 -2.87 5.36 1.48
CA SER A 184 -3.45 4.00 1.48
C SER A 184 -3.17 3.20 2.74
N SER A 185 -2.20 3.64 3.55
CA SER A 185 -1.84 2.91 4.77
C SER A 185 -3.03 2.73 5.73
N TYR A 186 -3.22 1.50 6.20
CA TYR A 186 -4.31 1.15 7.13
C TYR A 186 -5.69 1.04 6.47
N LEU A 187 -5.79 1.34 5.17
CA LEU A 187 -7.08 1.32 4.48
C LEU A 187 -7.33 -0.03 3.81
N ASP A 188 -8.55 -0.54 3.91
CA ASP A 188 -8.94 -1.73 3.15
C ASP A 188 -9.06 -1.38 1.66
N ILE A 189 -9.25 -2.42 0.86
CA ILE A 189 -9.25 -2.29 -0.60
C ILE A 189 -10.30 -1.29 -1.10
N ARG A 190 -11.47 -1.31 -0.47
CA ARG A 190 -12.54 -0.37 -0.80
C ARG A 190 -12.15 1.07 -0.43
N GLN A 191 -11.71 1.26 0.82
CA GLN A 191 -11.39 2.58 1.34
C GLN A 191 -10.23 3.27 0.62
N ARG A 192 -9.22 2.52 0.18
CA ARG A 192 -8.08 3.14 -0.53
C ARG A 192 -8.47 3.60 -1.94
N LEU A 193 -9.30 2.80 -2.61
CA LEU A 193 -9.77 3.15 -3.94
C LEU A 193 -10.75 4.33 -3.91
N ASN A 194 -11.67 4.31 -2.95
CA ASN A 194 -12.59 5.45 -2.73
C ASN A 194 -11.82 6.72 -2.38
N ALA A 195 -10.81 6.60 -1.53
CA ALA A 195 -9.99 7.75 -1.14
C ALA A 195 -9.23 8.32 -2.33
N ALA A 196 -8.74 7.43 -3.19
CA ALA A 196 -8.02 7.83 -4.39
C ALA A 196 -8.92 8.65 -5.34
N ARG A 197 -10.15 8.18 -5.51
CA ARG A 197 -11.14 8.88 -6.33
C ARG A 197 -11.39 10.28 -5.78
N ALA A 198 -11.67 10.36 -4.49
CA ALA A 198 -11.91 11.63 -3.81
C ALA A 198 -10.71 12.57 -3.86
N ILE A 199 -9.50 12.04 -3.71
CA ILE A 199 -8.28 12.85 -3.81
C ILE A 199 -8.13 13.39 -5.23
N ARG A 200 -8.28 12.52 -6.23
CA ARG A 200 -8.11 12.94 -7.63
C ARG A 200 -9.08 14.05 -8.04
N ARG A 201 -10.31 14.02 -7.53
CA ARG A 201 -11.29 15.07 -7.78
C ARG A 201 -10.76 16.49 -7.53
N LEU A 202 -9.80 16.64 -6.62
CA LEU A 202 -9.13 17.93 -6.41
C LEU A 202 -8.50 18.49 -7.70
N SER A 203 -7.94 17.60 -8.54
CA SER A 203 -7.29 18.02 -9.78
C SER A 203 -8.29 18.47 -10.84
N GLU A 204 -9.51 17.94 -10.78
CA GLU A 204 -10.59 18.37 -11.67
C GLU A 204 -11.05 19.79 -11.32
N GLU A 205 -10.85 20.21 -10.07
CA GLU A 205 -11.16 21.58 -9.63
C GLU A 205 -10.03 22.58 -9.89
N GLY A 206 -8.96 22.13 -10.55
CA GLY A 206 -7.82 23.00 -10.87
C GLY A 206 -6.76 23.05 -9.79
N LYS A 207 -6.89 22.25 -8.75
CA LYS A 207 -5.91 22.23 -7.68
C LYS A 207 -4.72 21.35 -8.06
N SER A 208 -3.61 21.49 -7.32
CA SER A 208 -2.42 20.66 -7.51
C SER A 208 -2.41 19.57 -6.45
N VAL A 209 -2.14 18.34 -6.88
CA VAL A 209 -2.01 17.22 -5.96
C VAL A 209 -0.64 16.55 -6.11
N LEU A 210 0.04 16.39 -4.97
CA LEU A 210 1.23 15.54 -4.88
C LEU A 210 0.87 14.35 -4.01
N VAL A 211 1.21 13.14 -4.47
CA VAL A 211 0.91 11.93 -3.70
C VAL A 211 2.03 10.87 -3.74
N VAL A 212 2.42 10.43 -2.55
CA VAL A 212 3.34 9.32 -2.35
C VAL A 212 2.52 8.07 -2.03
N GLU A 213 2.71 7.01 -2.81
CA GLU A 213 1.94 5.76 -2.63
C GLU A 213 2.77 4.51 -2.84
N HIS A 214 2.55 3.49 -2.01
CA HIS A 214 3.18 2.18 -2.18
C HIS A 214 2.25 1.16 -2.84
N ASP A 215 0.96 1.47 -2.94
CA ASP A 215 0.00 0.63 -3.65
C ASP A 215 0.00 1.10 -5.10
N LEU A 216 0.53 0.26 -5.98
CA LEU A 216 0.75 0.64 -7.36
C LEU A 216 -0.55 0.83 -8.16
N ALA A 217 -1.58 0.02 -7.87
CA ALA A 217 -2.91 0.22 -8.46
C ALA A 217 -3.48 1.58 -8.09
N VAL A 218 -3.35 1.96 -6.82
CA VAL A 218 -3.87 3.23 -6.32
C VAL A 218 -3.08 4.40 -6.92
N LEU A 219 -1.76 4.27 -6.94
CA LEU A 219 -0.87 5.24 -7.57
C LEU A 219 -1.22 5.47 -9.05
N ASP A 220 -1.39 4.36 -9.77
CA ASP A 220 -1.77 4.38 -11.19
C ASP A 220 -3.06 5.16 -11.39
N TYR A 221 -4.10 4.74 -10.69
CA TYR A 221 -5.43 5.38 -10.71
C TYR A 221 -5.38 6.86 -10.33
N LEU A 222 -4.55 7.17 -9.34
CA LEU A 222 -4.41 8.54 -8.85
C LEU A 222 -3.78 9.50 -9.85
N SER A 223 -2.79 9.03 -10.62
CA SER A 223 -1.76 9.92 -11.19
C SER A 223 -1.84 10.25 -12.68
N ASP A 224 -1.50 11.50 -13.00
CA ASP A 224 -1.23 11.93 -14.38
C ASP A 224 0.25 11.88 -14.72
N ILE A 225 1.09 12.12 -13.70
CA ILE A 225 2.53 12.17 -13.84
C ILE A 225 3.14 11.36 -12.70
N ILE A 226 4.28 10.74 -12.96
CA ILE A 226 4.95 9.85 -11.99
C ILE A 226 6.43 10.19 -11.89
N HIS A 227 6.94 10.28 -10.67
CA HIS A 227 8.38 10.23 -10.41
C HIS A 227 8.74 8.93 -9.72
N VAL A 228 9.79 8.28 -10.19
CA VAL A 228 10.40 7.16 -9.50
C VAL A 228 11.53 7.71 -8.64
N VAL A 229 11.56 7.33 -7.37
CA VAL A 229 12.68 7.68 -6.50
C VAL A 229 13.59 6.46 -6.34
N TYR A 230 14.88 6.66 -6.60
CA TYR A 230 15.85 5.57 -6.55
C TYR A 230 17.12 5.97 -5.78
N GLY A 231 17.82 4.96 -5.28
CA GLY A 231 19.07 5.15 -4.55
C GLY A 231 19.34 3.99 -3.60
N GLU A 232 19.87 4.31 -2.42
CA GLU A 232 20.13 3.35 -1.36
C GLU A 232 19.46 3.84 -0.09
N PRO A 233 18.46 3.10 0.41
CA PRO A 233 17.73 3.49 1.61
C PRO A 233 18.65 3.86 2.75
N GLY A 234 18.42 5.03 3.34
CA GLY A 234 19.24 5.50 4.46
C GLY A 234 20.51 6.24 4.06
N VAL A 235 20.89 6.15 2.78
CA VAL A 235 22.15 6.72 2.31
C VAL A 235 21.91 7.87 1.33
N TYR A 236 21.18 7.60 0.25
CA TYR A 236 20.79 8.66 -0.67
C TYR A 236 19.55 8.30 -1.51
N GLY A 237 18.86 9.34 -1.98
CA GLY A 237 17.74 9.19 -2.89
C GLY A 237 17.75 10.24 -3.98
N ILE A 238 17.28 9.83 -5.17
CA ILE A 238 17.23 10.70 -6.34
C ILE A 238 15.83 10.64 -6.98
N PHE A 239 15.23 11.80 -7.25
CA PHE A 239 13.99 11.87 -7.99
C PHE A 239 14.26 11.76 -9.50
N SER A 240 13.54 10.85 -10.16
CA SER A 240 13.63 10.73 -11.62
C SER A 240 13.11 11.99 -12.29
N GLN A 241 13.30 12.09 -13.60
CA GLN A 241 12.60 13.09 -14.39
C GLN A 241 11.11 12.78 -14.33
N PRO A 242 10.25 13.80 -14.56
CA PRO A 242 8.81 13.51 -14.64
C PRO A 242 8.48 12.56 -15.79
N LYS A 243 7.60 11.59 -15.53
CA LYS A 243 7.22 10.60 -16.52
C LYS A 243 5.71 10.50 -16.60
N GLY A 244 5.19 10.07 -17.74
CA GLY A 244 3.78 9.76 -17.86
C GLY A 244 3.48 8.56 -16.98
N THR A 245 2.22 8.43 -16.56
CA THR A 245 1.85 7.41 -15.60
C THR A 245 2.21 6.01 -16.07
N ARG A 246 1.83 5.69 -17.31
CA ARG A 246 2.10 4.39 -17.88
C ARG A 246 3.60 4.09 -17.97
N ASN A 247 4.36 4.99 -18.59
CA ASN A 247 5.81 4.79 -18.76
C ASN A 247 6.52 4.70 -17.43
N GLY A 248 6.12 5.56 -16.49
CA GLY A 248 6.75 5.62 -15.18
C GLY A 248 6.62 4.32 -14.41
N ILE A 249 5.38 3.85 -14.25
CA ILE A 249 5.14 2.59 -13.54
C ILE A 249 5.77 1.42 -14.30
N ASN A 250 5.65 1.39 -15.63
CA ASN A 250 6.28 0.34 -16.43
C ASN A 250 7.80 0.32 -16.27
N GLU A 251 8.41 1.51 -16.24
CA GLU A 251 9.85 1.62 -16.01
C GLU A 251 10.22 1.21 -14.59
N PHE A 252 9.38 1.56 -13.62
CA PHE A 252 9.61 1.10 -12.25
C PHE A 252 9.65 -0.43 -12.22
N LEU A 253 8.68 -1.07 -12.87
CA LEU A 253 8.60 -2.53 -12.87
C LEU A 253 9.78 -3.19 -13.57
N ARG A 254 10.24 -2.60 -14.68
CA ARG A 254 11.41 -3.11 -15.40
C ARG A 254 12.72 -2.91 -14.64
N GLY A 255 12.74 -1.89 -13.78
CA GLY A 255 13.90 -1.57 -12.96
C GLY A 255 14.95 -0.78 -13.72
N TYR A 256 14.53 -0.10 -14.78
CA TYR A 256 15.44 0.64 -15.63
C TYR A 256 14.78 1.92 -16.12
N LEU A 257 15.38 3.06 -15.76
CA LEU A 257 14.90 4.37 -16.18
C LEU A 257 15.71 4.78 -17.42
N LYS A 258 15.05 4.83 -18.58
CA LYS A 258 15.73 4.95 -19.86
C LYS A 258 16.41 6.31 -20.07
N ASP A 259 15.67 7.38 -19.90
CA ASP A 259 16.22 8.72 -20.11
C ASP A 259 17.38 9.00 -19.13
N GLU A 260 17.20 8.60 -17.88
CA GLU A 260 18.24 8.75 -16.86
C GLU A 260 19.35 7.72 -17.02
N ASN A 261 19.04 6.61 -17.70
CA ASN A 261 19.98 5.51 -17.94
C ASN A 261 20.45 4.93 -16.61
N VAL A 262 19.51 4.67 -15.72
CA VAL A 262 19.79 4.11 -14.39
C VAL A 262 19.07 2.77 -14.24
N ARG A 263 19.85 1.70 -14.06
CA ARG A 263 19.28 0.40 -13.75
C ARG A 263 19.35 0.22 -12.23
N PHE A 264 18.22 0.47 -11.55
CA PHE A 264 18.20 0.47 -10.09
C PHE A 264 17.86 -0.88 -9.47
N ARG A 265 17.38 -1.83 -10.27
CA ARG A 265 17.18 -3.20 -9.82
C ARG A 265 17.75 -4.12 -10.89
N PRO A 266 18.58 -5.10 -10.48
CA PRO A 266 19.27 -5.95 -11.48
C PRO A 266 18.35 -6.89 -12.28
N TYR A 267 17.05 -6.88 -12.02
CA TYR A 267 16.11 -7.67 -12.80
C TYR A 267 14.74 -6.99 -12.89
N GLU A 268 13.93 -7.47 -13.83
CA GLU A 268 12.60 -6.92 -14.04
C GLU A 268 11.60 -7.63 -13.13
N ILE A 269 10.57 -6.91 -12.70
CA ILE A 269 9.40 -7.52 -12.07
C ILE A 269 8.36 -7.64 -13.18
N LYS A 270 8.03 -8.86 -13.57
CA LYS A 270 7.13 -9.11 -14.69
C LYS A 270 5.79 -9.59 -14.19
N PHE A 271 4.71 -9.12 -14.83
CA PHE A 271 3.39 -9.65 -14.60
C PHE A 271 3.07 -10.65 -15.69
N THR A 272 2.05 -11.47 -15.45
CA THR A 272 1.72 -12.58 -16.33
C THR A 272 1.20 -12.08 -17.68
N LYS A 273 1.87 -12.47 -18.76
CA LYS A 273 1.30 -12.29 -20.10
C LYS A 273 0.48 -13.54 -20.44
N THR A 274 -0.46 -13.40 -21.37
CA THR A 274 -1.57 -14.36 -21.50
C THR A 274 -1.21 -15.80 -21.91
N GLY A 275 0.05 -16.06 -22.28
CA GLY A 275 0.50 -17.43 -22.59
C GLY A 275 1.30 -18.14 -21.52
N GLU A 276 1.51 -17.49 -20.36
CA GLU A 276 2.47 -17.98 -19.36
C GLU A 276 1.96 -19.16 -18.54
N ARG A 277 0.84 -18.97 -17.84
CA ARG A 277 0.30 -20.00 -16.95
C ARG A 277 -0.69 -20.91 -17.67
N VAL A 278 -0.35 -22.19 -17.75
CA VAL A 278 -1.19 -23.21 -18.37
C VAL A 278 -2.48 -23.37 -17.56
N GLU A 279 -3.62 -23.49 -18.23
CA GLU A 279 -4.85 -23.88 -17.54
C GLU A 279 -4.68 -25.34 -17.11
N ILE A 280 -4.87 -25.59 -15.81
CA ILE A 280 -4.80 -26.94 -15.27
C ILE A 280 -6.07 -27.21 -14.50
N GLU A 281 -6.74 -28.31 -14.81
CA GLU A 281 -7.83 -28.78 -13.99
C GLU A 281 -7.20 -29.46 -12.80
N ARG A 282 -7.15 -28.75 -11.68
CA ARG A 282 -6.45 -29.23 -10.51
C ARG A 282 -7.32 -30.20 -9.73
N GLU A 283 -6.65 -31.13 -9.04
CA GLU A 283 -7.31 -32.04 -8.14
C GLU A 283 -7.74 -31.26 -6.89
N THR A 284 -8.82 -31.70 -6.27
CA THR A 284 -9.26 -31.13 -5.00
C THR A 284 -8.30 -31.53 -3.88
N LEU A 285 -7.87 -30.55 -3.09
CA LEU A 285 -7.09 -30.82 -1.88
C LEU A 285 -8.08 -31.11 -0.77
N VAL A 286 -8.95 -30.15 -0.48
CA VAL A 286 -9.97 -30.30 0.54
C VAL A 286 -11.19 -29.48 0.18
N THR A 287 -12.31 -29.87 0.77
CA THR A 287 -13.54 -29.10 0.67
C THR A 287 -13.88 -28.66 2.07
N TYR A 288 -14.73 -27.64 2.16
CA TYR A 288 -15.30 -27.25 3.43
C TYR A 288 -16.78 -26.98 3.22
N PRO A 289 -17.61 -27.32 4.23
CA PRO A 289 -19.03 -27.08 4.14
C PRO A 289 -19.38 -25.64 4.51
N ARG A 290 -20.68 -25.36 4.54
CA ARG A 290 -21.18 -24.09 5.05
C ARG A 290 -20.68 -23.90 6.48
N LEU A 291 -20.14 -22.72 6.78
CA LEU A 291 -19.67 -22.41 8.12
C LEU A 291 -20.32 -21.14 8.63
N VAL A 292 -20.56 -21.07 9.93
CA VAL A 292 -21.01 -19.82 10.55
C VAL A 292 -20.12 -19.53 11.75
N LYS A 293 -19.75 -18.27 11.90
CA LYS A 293 -19.06 -17.82 13.10
C LYS A 293 -19.75 -16.57 13.63
N ASP A 294 -20.32 -16.69 14.83
CA ASP A 294 -20.94 -15.57 15.54
C ASP A 294 -19.98 -15.01 16.56
N TYR A 295 -19.90 -13.68 16.64
CA TYR A 295 -19.28 -12.99 17.77
C TYR A 295 -20.32 -11.98 18.26
N GLY A 296 -21.11 -12.38 19.25
CA GLY A 296 -22.21 -11.54 19.71
C GLY A 296 -23.16 -11.21 18.57
N SER A 297 -23.24 -9.94 18.20
CA SER A 297 -24.17 -9.51 17.15
C SER A 297 -23.58 -9.60 15.74
N PHE A 298 -22.28 -9.84 15.63
CA PHE A 298 -21.65 -10.06 14.32
C PHE A 298 -21.78 -11.53 13.91
N ARG A 299 -22.11 -11.76 12.64
CA ARG A 299 -22.14 -13.11 12.08
C ARG A 299 -21.41 -13.14 10.73
N LEU A 300 -20.53 -14.15 10.59
CA LEU A 300 -19.94 -14.49 9.31
C LEU A 300 -20.58 -15.78 8.81
N GLU A 301 -21.07 -15.77 7.59
CA GLU A 301 -21.52 -16.99 6.94
C GLU A 301 -20.60 -17.30 5.77
N VAL A 302 -20.05 -18.51 5.75
CA VAL A 302 -19.16 -18.94 4.66
C VAL A 302 -19.90 -19.96 3.79
N GLU A 303 -19.99 -19.65 2.50
CA GLU A 303 -20.58 -20.58 1.53
C GLU A 303 -19.65 -21.78 1.36
N PRO A 304 -20.23 -22.97 1.13
CA PRO A 304 -19.41 -24.15 0.85
C PRO A 304 -18.43 -23.86 -0.27
N GLY A 305 -17.25 -24.44 -0.18
CA GLY A 305 -16.21 -24.21 -1.17
C GLY A 305 -15.22 -25.35 -1.28
N GLU A 306 -14.24 -25.15 -2.16
CA GLU A 306 -13.25 -26.16 -2.45
C GLU A 306 -11.91 -25.48 -2.63
N ILE A 307 -10.87 -26.14 -2.14
CA ILE A 307 -9.51 -25.67 -2.30
C ILE A 307 -8.75 -26.73 -3.09
N LYS A 308 -8.08 -26.30 -4.16
CA LYS A 308 -7.36 -27.20 -5.06
C LYS A 308 -5.91 -27.39 -4.67
N LYS A 309 -5.35 -28.56 -4.97
CA LYS A 309 -3.91 -28.82 -4.80
C LYS A 309 -3.10 -27.91 -5.69
N GLY A 310 -2.15 -27.18 -5.10
CA GLY A 310 -1.22 -26.36 -5.86
C GLY A 310 -1.75 -25.01 -6.36
N GLU A 311 -2.88 -24.54 -5.85
CA GLU A 311 -3.38 -23.24 -6.26
C GLU A 311 -3.15 -22.21 -5.16
N VAL A 312 -3.22 -20.94 -5.53
CA VAL A 312 -3.28 -19.85 -4.58
C VAL A 312 -4.63 -19.13 -4.74
N ILE A 313 -5.36 -19.02 -3.64
CA ILE A 313 -6.62 -18.28 -3.60
C ILE A 313 -6.38 -16.94 -2.92
N GLY A 314 -6.61 -15.85 -3.65
CA GLY A 314 -6.58 -14.52 -3.07
C GLY A 314 -7.92 -14.23 -2.40
N ILE A 315 -7.88 -13.62 -1.23
CA ILE A 315 -9.08 -13.28 -0.50
C ILE A 315 -9.14 -11.75 -0.41
N VAL A 316 -10.27 -11.18 -0.88
CA VAL A 316 -10.46 -9.74 -0.89
C VAL A 316 -11.79 -9.36 -0.26
N GLY A 317 -11.83 -8.14 0.27
CA GLY A 317 -13.04 -7.55 0.80
C GLY A 317 -12.76 -6.42 1.77
N PRO A 318 -13.76 -5.58 2.05
CA PRO A 318 -13.66 -4.59 3.11
C PRO A 318 -13.32 -5.24 4.44
N ASN A 319 -12.72 -4.48 5.36
CA ASN A 319 -12.42 -5.00 6.69
C ASN A 319 -13.66 -4.97 7.59
N GLY A 320 -13.62 -5.78 8.65
CA GLY A 320 -14.73 -5.91 9.60
C GLY A 320 -15.76 -6.92 9.16
N ILE A 321 -15.35 -7.78 8.23
CA ILE A 321 -16.24 -8.61 7.45
C ILE A 321 -16.05 -10.12 7.72
N GLY A 322 -14.94 -10.50 8.35
CA GLY A 322 -14.67 -11.91 8.70
C GLY A 322 -13.56 -12.62 7.92
N LYS A 323 -12.73 -11.87 7.18
CA LYS A 323 -11.63 -12.46 6.42
C LYS A 323 -10.64 -13.19 7.33
N THR A 324 -10.18 -12.47 8.35
CA THR A 324 -9.29 -13.05 9.36
C THR A 324 -9.98 -14.20 10.11
N THR A 325 -11.24 -13.99 10.49
CA THR A 325 -12.05 -15.00 11.16
C THR A 325 -12.06 -16.31 10.35
N PHE A 326 -12.32 -16.20 9.05
CA PHE A 326 -12.27 -17.35 8.14
C PHE A 326 -10.89 -18.04 8.15
N VAL A 327 -9.83 -17.25 7.98
CA VAL A 327 -8.45 -17.77 7.97
C VAL A 327 -8.13 -18.49 9.29
N LYS A 328 -8.59 -17.91 10.40
CA LYS A 328 -8.39 -18.51 11.72
C LYS A 328 -9.07 -19.87 11.87
N MET A 329 -10.26 -20.01 11.27
CA MET A 329 -10.96 -21.31 11.27
C MET A 329 -10.19 -22.35 10.45
N LEU A 330 -9.67 -21.92 9.30
CA LEU A 330 -8.78 -22.74 8.48
C LEU A 330 -7.49 -23.12 9.21
N ALA A 331 -6.98 -22.19 10.02
CA ALA A 331 -5.76 -22.42 10.77
C ALA A 331 -5.98 -23.31 12.00
N GLY A 332 -7.24 -23.55 12.36
CA GLY A 332 -7.58 -24.35 13.52
C GLY A 332 -7.40 -23.61 14.83
N VAL A 333 -7.21 -22.30 14.77
CA VAL A 333 -7.06 -21.51 15.99
C VAL A 333 -8.40 -20.92 16.43
N GLU A 334 -9.41 -21.01 15.57
CA GLU A 334 -10.76 -20.61 15.93
C GLU A 334 -11.73 -21.72 15.52
N GLU A 335 -12.70 -21.98 16.39
CA GLU A 335 -13.72 -22.99 16.16
C GLU A 335 -14.97 -22.35 15.51
N PRO A 336 -15.49 -22.97 14.44
CA PRO A 336 -16.77 -22.48 13.89
C PRO A 336 -17.93 -22.61 14.90
N THR A 337 -18.90 -21.70 14.83
CA THR A 337 -20.12 -21.81 15.62
C THR A 337 -21.03 -22.90 15.03
N GLU A 338 -21.23 -22.87 13.72
CA GLU A 338 -21.95 -23.92 12.99
C GLU A 338 -21.06 -24.42 11.87
N GLY A 339 -21.09 -25.73 11.64
CA GLY A 339 -20.35 -26.34 10.55
C GLY A 339 -19.09 -27.01 11.03
N LYS A 340 -18.50 -27.83 10.17
CA LYS A 340 -17.46 -28.76 10.56
C LYS A 340 -16.33 -28.77 9.54
N ILE A 341 -15.11 -28.45 9.98
CA ILE A 341 -13.90 -28.61 9.18
C ILE A 341 -13.21 -29.94 9.52
N GLU A 342 -13.26 -30.89 8.59
CA GLU A 342 -12.70 -32.23 8.79
C GLU A 342 -11.46 -32.45 7.92
N TRP A 343 -10.28 -32.10 8.44
CA TRP A 343 -9.03 -32.03 7.65
C TRP A 343 -7.89 -32.75 8.35
N ASP A 344 -7.07 -33.46 7.58
CA ASP A 344 -5.78 -33.99 8.08
C ASP A 344 -4.65 -33.34 7.30
N LEU A 345 -4.46 -32.05 7.52
CA LEU A 345 -3.49 -31.24 6.79
C LEU A 345 -2.62 -30.45 7.76
N THR A 346 -1.38 -30.19 7.39
CA THR A 346 -0.54 -29.30 8.18
C THR A 346 -0.67 -27.88 7.63
N VAL A 347 -0.83 -26.90 8.53
CA VAL A 347 -1.08 -25.52 8.16
C VAL A 347 0.08 -24.64 8.66
N ALA A 348 0.59 -23.77 7.79
CA ALA A 348 1.52 -22.70 8.20
C ALA A 348 0.76 -21.37 8.11
N TYR A 349 0.88 -20.54 9.15
CA TYR A 349 -0.03 -19.38 9.31
C TYR A 349 0.76 -18.11 9.63
N LYS A 350 0.63 -17.09 8.76
CA LYS A 350 1.20 -15.75 8.97
C LYS A 350 0.08 -14.80 9.43
N PRO A 351 -0.01 -14.54 10.75
CA PRO A 351 -1.12 -13.71 11.24
C PRO A 351 -1.08 -12.26 10.80
N GLN A 352 -2.23 -11.62 10.77
CA GLN A 352 -2.33 -10.21 10.38
C GLN A 352 -1.60 -9.29 11.36
N TYR A 353 -1.77 -9.53 12.65
CA TYR A 353 -1.10 -8.72 13.67
C TYR A 353 -0.12 -9.58 14.46
N ILE A 354 1.14 -9.17 14.49
CA ILE A 354 2.18 -9.91 15.21
C ILE A 354 2.92 -9.00 16.19
N LYS A 355 3.08 -9.49 17.41
CA LYS A 355 3.85 -8.80 18.44
C LYS A 355 5.06 -9.68 18.73
N ALA A 356 6.27 -9.21 18.42
CA ALA A 356 7.48 -10.00 18.68
C ALA A 356 7.62 -10.31 20.17
N ASP A 357 7.75 -11.61 20.46
CA ASP A 357 8.05 -12.11 21.81
C ASP A 357 9.05 -13.25 21.66
N TYR A 358 10.29 -12.89 21.35
CA TYR A 358 11.33 -13.85 21.02
C TYR A 358 12.71 -13.28 21.34
N GLU A 359 13.36 -13.85 22.35
CA GLU A 359 14.71 -13.42 22.73
C GLU A 359 15.74 -14.19 21.93
N GLY A 360 16.09 -13.63 20.79
CA GLY A 360 17.00 -14.27 19.87
C GLY A 360 17.04 -13.46 18.59
N THR A 361 17.97 -13.80 17.71
CA THR A 361 18.10 -13.11 16.44
C THR A 361 17.19 -13.74 15.38
N VAL A 362 17.05 -13.01 14.29
CA VAL A 362 16.33 -13.49 13.12
C VAL A 362 16.98 -14.77 12.60
N TYR A 363 18.31 -14.79 12.56
CA TYR A 363 19.01 -16.02 12.12
C TYR A 363 18.64 -17.23 13.00
N GLU A 364 18.64 -17.04 14.32
CA GLU A 364 18.30 -18.12 15.24
C GLU A 364 16.88 -18.64 15.00
N LEU A 365 15.93 -17.71 14.87
CA LEU A 365 14.54 -18.04 14.63
C LEU A 365 14.36 -18.86 13.36
N LEU A 366 14.89 -18.36 12.25
CA LEU A 366 14.68 -19.00 10.95
C LEU A 366 15.51 -20.28 10.80
N SER A 367 16.74 -20.30 11.31
CA SER A 367 17.56 -21.51 11.23
C SER A 367 16.97 -22.69 12.01
N LYS A 368 16.21 -22.39 13.06
CA LYS A 368 15.56 -23.43 13.85
C LYS A 368 14.28 -23.95 13.22
N ILE A 369 13.72 -23.21 12.26
CA ILE A 369 12.63 -23.70 11.43
C ILE A 369 13.17 -24.66 10.37
N ASP A 370 14.07 -24.18 9.51
CA ASP A 370 14.68 -25.04 8.49
C ASP A 370 16.02 -24.50 8.03
N ALA A 371 17.08 -24.99 8.66
CA ALA A 371 18.43 -24.55 8.33
C ALA A 371 18.83 -24.96 6.91
N SER A 372 18.34 -26.11 6.45
CA SER A 372 18.65 -26.57 5.10
C SER A 372 18.11 -25.61 4.03
N LYS A 373 16.93 -25.04 4.25
CA LYS A 373 16.37 -24.05 3.32
C LYS A 373 17.14 -22.73 3.34
N LEU A 374 17.63 -22.30 4.50
CA LEU A 374 18.47 -21.10 4.57
C LEU A 374 19.74 -21.21 3.73
N ASN A 375 20.25 -22.44 3.57
CA ASN A 375 21.45 -22.66 2.79
C ASN A 375 21.17 -23.06 1.34
N SER A 376 19.89 -23.09 0.95
CA SER A 376 19.50 -23.46 -0.41
C SER A 376 19.54 -22.24 -1.34
N ASN A 377 20.15 -22.41 -2.53
CA ASN A 377 20.25 -21.32 -3.49
C ASN A 377 18.89 -20.81 -3.95
N PHE A 378 17.93 -21.73 -4.12
CA PHE A 378 16.59 -21.34 -4.53
C PHE A 378 15.92 -20.42 -3.48
N TYR A 379 16.04 -20.79 -2.21
CA TYR A 379 15.48 -20.00 -1.13
C TYR A 379 16.18 -18.66 -0.95
N LYS A 380 17.50 -18.64 -1.07
CA LYS A 380 18.24 -17.36 -1.07
C LYS A 380 17.78 -16.45 -2.20
N THR A 381 17.68 -17.01 -3.42
CA THR A 381 17.33 -16.21 -4.59
C THR A 381 15.88 -15.73 -4.58
N GLU A 382 14.96 -16.61 -4.21
CA GLU A 382 13.55 -16.32 -4.36
C GLU A 382 12.91 -15.74 -3.09
N LEU A 383 13.51 -15.97 -1.92
CA LEU A 383 12.90 -15.55 -0.66
C LEU A 383 13.78 -14.63 0.18
N LEU A 384 14.95 -15.13 0.57
CA LEU A 384 15.75 -14.49 1.62
C LEU A 384 16.36 -13.18 1.15
N LYS A 385 16.96 -13.18 -0.05
CA LYS A 385 17.56 -11.97 -0.59
C LYS A 385 16.51 -10.94 -0.98
N PRO A 386 15.50 -11.32 -1.78
CA PRO A 386 14.46 -10.34 -2.18
C PRO A 386 13.70 -9.66 -1.03
N LEU A 387 13.48 -10.37 0.08
CA LEU A 387 12.79 -9.77 1.24
C LEU A 387 13.74 -9.05 2.19
N GLY A 388 15.03 -9.08 1.90
CA GLY A 388 16.03 -8.42 2.73
C GLY A 388 16.26 -9.12 4.05
N ILE A 389 16.04 -10.43 4.08
CA ILE A 389 16.11 -11.20 5.32
C ILE A 389 17.57 -11.40 5.75
N ILE A 390 18.47 -11.59 4.78
CA ILE A 390 19.88 -11.79 5.08
C ILE A 390 20.48 -10.58 5.82
N ASP A 391 20.12 -9.37 5.40
CA ASP A 391 20.56 -8.17 6.11
C ASP A 391 19.96 -8.03 7.50
N LEU A 392 18.91 -8.80 7.83
CA LEU A 392 18.30 -8.77 9.16
C LEU A 392 18.78 -9.90 10.08
N TYR A 393 19.61 -10.79 9.56
CA TYR A 393 19.99 -12.01 10.28
C TYR A 393 20.47 -11.79 11.72
N ASP A 394 21.32 -10.80 11.96
CA ASP A 394 21.82 -10.63 13.32
C ASP A 394 21.04 -9.61 14.14
N ARG A 395 19.89 -9.19 13.63
CA ARG A 395 18.99 -8.33 14.39
C ARG A 395 18.19 -9.12 15.42
N GLU A 396 17.98 -8.53 16.59
CA GLU A 396 17.12 -9.14 17.60
C GLU A 396 15.67 -9.02 17.13
N VAL A 397 14.92 -10.12 17.23
CA VAL A 397 13.55 -10.14 16.71
C VAL A 397 12.67 -9.12 17.44
N ASN A 398 12.90 -8.95 18.73
CA ASN A 398 12.15 -8.01 19.55
C ASN A 398 12.43 -6.55 19.24
N GLU A 399 13.49 -6.26 18.51
CA GLU A 399 13.80 -4.89 18.11
C GLU A 399 13.40 -4.58 16.66
N LEU A 400 12.80 -5.52 15.96
CA LEU A 400 12.38 -5.29 14.57
C LEU A 400 11.19 -4.33 14.51
N SER A 401 11.19 -3.46 13.51
CA SER A 401 10.05 -2.58 13.23
C SER A 401 8.90 -3.38 12.63
N GLY A 402 7.76 -2.72 12.46
CA GLY A 402 6.58 -3.32 11.83
C GLY A 402 6.89 -3.97 10.49
N GLY A 403 7.54 -3.20 9.61
CA GLY A 403 7.92 -3.68 8.28
C GLY A 403 8.94 -4.80 8.26
N GLU A 404 9.90 -4.74 9.20
CA GLU A 404 10.92 -5.76 9.33
C GLU A 404 10.32 -7.06 9.85
N LEU A 405 9.53 -6.95 10.92
CA LEU A 405 8.85 -8.12 11.50
C LEU A 405 7.89 -8.79 10.51
N GLN A 406 7.17 -7.99 9.73
CA GLN A 406 6.31 -8.52 8.65
C GLN A 406 7.08 -9.42 7.68
N ARG A 407 8.23 -8.93 7.19
CA ARG A 407 9.03 -9.69 6.23
C ARG A 407 9.62 -10.96 6.84
N VAL A 408 10.09 -10.86 8.08
CA VAL A 408 10.60 -12.03 8.78
C VAL A 408 9.49 -13.06 9.02
N ALA A 409 8.29 -12.60 9.39
CA ALA A 409 7.17 -13.52 9.61
C ALA A 409 6.72 -14.23 8.34
N ILE A 410 6.74 -13.53 7.21
CA ILE A 410 6.42 -14.11 5.92
C ILE A 410 7.47 -15.16 5.56
N ALA A 411 8.74 -14.80 5.75
CA ALA A 411 9.83 -15.73 5.51
C ALA A 411 9.69 -16.96 6.38
N ALA A 412 9.41 -16.76 7.67
CA ALA A 412 9.28 -17.87 8.62
C ALA A 412 8.14 -18.81 8.22
N THR A 413 7.01 -18.22 7.82
CA THR A 413 5.85 -18.97 7.37
C THR A 413 6.17 -19.79 6.12
N LEU A 414 6.82 -19.18 5.13
CA LEU A 414 7.14 -19.84 3.87
C LEU A 414 8.28 -20.86 3.98
N LEU A 415 9.09 -20.75 5.04
CA LEU A 415 10.13 -21.75 5.33
C LEU A 415 9.61 -23.04 5.96
N ARG A 416 8.40 -22.99 6.51
CA ARG A 416 7.81 -24.18 7.10
C ARG A 416 7.38 -25.17 6.03
N ASP A 417 7.31 -26.44 6.42
CA ASP A 417 6.82 -27.49 5.56
C ASP A 417 5.36 -27.74 5.95
N ALA A 418 4.44 -27.39 5.06
CA ALA A 418 3.01 -27.51 5.31
C ALA A 418 2.28 -27.87 4.02
N ASP A 419 1.02 -28.29 4.16
CA ASP A 419 0.17 -28.56 3.00
C ASP A 419 -0.47 -27.27 2.52
N ILE A 420 -0.69 -26.35 3.45
CA ILE A 420 -1.36 -25.12 3.12
C ILE A 420 -0.77 -23.93 3.91
N TYR A 421 -0.55 -22.84 3.19
CA TYR A 421 0.07 -21.64 3.74
C TYR A 421 -0.97 -20.53 3.75
N LEU A 422 -1.21 -19.96 4.94
CA LEU A 422 -2.21 -18.90 5.11
C LEU A 422 -1.49 -17.61 5.46
N LEU A 423 -1.61 -16.61 4.60
CA LEU A 423 -0.97 -15.33 4.82
C LEU A 423 -2.00 -14.21 4.86
N ASP A 424 -2.18 -13.64 6.05
CA ASP A 424 -3.19 -12.64 6.29
C ASP A 424 -2.55 -11.25 6.20
N GLU A 425 -2.84 -10.56 5.10
CA GLU A 425 -2.41 -9.17 4.87
C GLU A 425 -0.88 -8.95 4.98
N PRO A 426 -0.12 -9.67 4.15
CA PRO A 426 1.34 -9.51 4.15
C PRO A 426 1.86 -8.14 3.70
N SER A 427 1.05 -7.35 2.98
CA SER A 427 1.53 -6.05 2.48
C SER A 427 1.60 -4.95 3.54
N ALA A 428 0.97 -5.18 4.69
CA ALA A 428 0.95 -4.16 5.75
C ALA A 428 2.37 -3.83 6.22
N TYR A 429 2.68 -2.52 6.28
CA TYR A 429 3.98 -2.00 6.67
C TYR A 429 5.07 -2.16 5.62
N LEU A 430 4.74 -2.69 4.43
CA LEU A 430 5.75 -2.90 3.37
C LEU A 430 5.74 -1.76 2.36
N ASP A 431 6.93 -1.42 1.86
CA ASP A 431 7.05 -0.45 0.78
C ASP A 431 6.82 -1.19 -0.53
N VAL A 432 6.76 -0.40 -1.60
CA VAL A 432 6.37 -0.89 -2.92
C VAL A 432 7.30 -2.00 -3.39
N GLU A 433 8.60 -1.82 -3.16
CA GLU A 433 9.62 -2.77 -3.59
C GLU A 433 9.49 -4.08 -2.81
N GLN A 434 9.24 -3.96 -1.51
CA GLN A 434 9.06 -5.14 -0.66
C GLN A 434 7.78 -5.92 -1.00
N ARG A 435 6.72 -5.21 -1.40
CA ARG A 435 5.47 -5.86 -1.83
C ARG A 435 5.65 -6.72 -3.07
N LEU A 436 6.34 -6.17 -4.06
CA LEU A 436 6.60 -6.91 -5.29
C LEU A 436 7.45 -8.16 -5.00
N ALA A 437 8.47 -8.01 -4.16
CA ALA A 437 9.29 -9.13 -3.72
C ALA A 437 8.45 -10.22 -3.03
N VAL A 438 7.54 -9.80 -2.15
CA VAL A 438 6.70 -10.74 -1.40
C VAL A 438 5.72 -11.50 -2.33
N SER A 439 5.14 -10.79 -3.29
CA SER A 439 4.31 -11.40 -4.35
C SER A 439 5.04 -12.51 -5.10
N ARG A 440 6.24 -12.17 -5.59
CA ARG A 440 7.07 -13.12 -6.33
C ARG A 440 7.44 -14.34 -5.48
N ALA A 441 7.77 -14.09 -4.21
CA ALA A 441 8.22 -15.17 -3.31
C ALA A 441 7.11 -16.17 -3.04
N ILE A 442 5.95 -15.65 -2.66
CA ILE A 442 4.78 -16.49 -2.42
C ILE A 442 4.52 -17.36 -3.63
N ARG A 443 4.47 -16.74 -4.81
CA ARG A 443 4.13 -17.44 -6.03
C ARG A 443 5.19 -18.48 -6.42
N HIS A 444 6.45 -18.05 -6.43
CA HIS A 444 7.54 -18.93 -6.84
C HIS A 444 7.74 -20.11 -5.87
N LEU A 445 7.61 -19.85 -4.58
CA LEU A 445 7.74 -20.94 -3.60
C LEU A 445 6.59 -21.94 -3.67
N MET A 446 5.37 -21.46 -3.92
CA MET A 446 4.21 -22.35 -4.05
C MET A 446 4.29 -23.16 -5.35
N GLU A 447 4.77 -22.54 -6.43
CA GLU A 447 5.01 -23.25 -7.68
C GLU A 447 6.11 -24.30 -7.51
N LYS A 448 7.25 -23.89 -6.95
CA LYS A 448 8.37 -24.79 -6.70
C LYS A 448 7.95 -26.05 -5.94
N ASN A 449 7.29 -25.86 -4.81
CA ASN A 449 7.01 -26.95 -3.88
C ASN A 449 5.65 -27.60 -4.07
N GLU A 450 4.93 -27.14 -5.10
CA GLU A 450 3.59 -27.64 -5.43
C GLU A 450 2.69 -27.66 -4.20
N LYS A 451 2.63 -26.52 -3.50
CA LYS A 451 1.78 -26.39 -2.32
C LYS A 451 0.64 -25.41 -2.59
N THR A 452 -0.23 -25.28 -1.61
CA THR A 452 -1.44 -24.49 -1.71
C THR A 452 -1.37 -23.31 -0.75
N ALA A 453 -1.84 -22.14 -1.18
CA ALA A 453 -1.86 -20.97 -0.32
C ALA A 453 -3.18 -20.23 -0.39
N LEU A 454 -3.53 -19.56 0.72
CA LEU A 454 -4.57 -18.55 0.70
C LEU A 454 -3.96 -17.25 1.23
N VAL A 455 -4.24 -16.16 0.53
CA VAL A 455 -3.64 -14.87 0.82
C VAL A 455 -4.72 -13.80 0.92
N VAL A 456 -4.88 -13.21 2.11
CA VAL A 456 -5.77 -12.06 2.27
C VAL A 456 -4.95 -10.81 1.95
N GLU A 457 -5.41 -10.02 0.99
CA GLU A 457 -4.67 -8.83 0.57
C GLU A 457 -5.58 -7.70 0.10
N HIS A 458 -5.20 -6.46 0.40
CA HIS A 458 -5.88 -5.26 -0.09
C HIS A 458 -5.15 -4.57 -1.26
N ASP A 459 -3.92 -5.00 -1.55
CA ASP A 459 -3.10 -4.47 -2.65
C ASP A 459 -3.42 -5.25 -3.92
N VAL A 460 -4.05 -4.58 -4.89
CA VAL A 460 -4.61 -5.25 -6.08
C VAL A 460 -3.54 -5.93 -6.94
N LEU A 461 -2.41 -5.28 -7.16
CA LEU A 461 -1.32 -5.90 -7.93
C LEU A 461 -0.74 -7.15 -7.25
N MET A 462 -0.70 -7.15 -5.91
CA MET A 462 -0.32 -8.36 -5.17
C MET A 462 -1.33 -9.48 -5.40
N ILE A 463 -2.62 -9.18 -5.26
CA ILE A 463 -3.67 -10.14 -5.56
C ILE A 463 -3.55 -10.67 -6.98
N ASP A 464 -3.32 -9.78 -7.94
CA ASP A 464 -3.24 -10.19 -9.34
C ASP A 464 -2.06 -11.12 -9.59
N TYR A 465 -0.93 -10.85 -8.94
CA TYR A 465 0.27 -11.66 -9.18
C TYR A 465 0.19 -13.05 -8.54
N VAL A 466 -0.30 -13.12 -7.31
CA VAL A 466 -0.24 -14.38 -6.56
C VAL A 466 -1.38 -15.35 -6.86
N SER A 467 -2.53 -14.84 -7.32
CA SER A 467 -3.77 -15.62 -7.32
C SER A 467 -4.06 -16.43 -8.58
N ASP A 468 -4.57 -17.65 -8.38
CA ASP A 468 -5.18 -18.46 -9.44
C ASP A 468 -6.69 -18.28 -9.41
N ARG A 469 -7.25 -18.25 -8.20
CA ARG A 469 -8.67 -18.00 -7.99
C ARG A 469 -8.86 -16.96 -6.88
N LEU A 470 -10.09 -16.53 -6.70
CA LEU A 470 -10.41 -15.42 -5.81
C LEU A 470 -11.61 -15.75 -4.95
N MET A 471 -11.55 -15.32 -3.70
CA MET A 471 -12.62 -15.52 -2.74
C MET A 471 -13.07 -14.14 -2.29
N VAL A 472 -14.33 -13.79 -2.56
CA VAL A 472 -14.81 -12.45 -2.27
C VAL A 472 -15.63 -12.47 -0.99
N PHE A 473 -15.37 -11.51 -0.12
CA PHE A 473 -16.18 -11.30 1.08
C PHE A 473 -17.01 -10.03 0.87
N GLU A 474 -18.27 -10.10 1.29
CA GLU A 474 -19.24 -8.98 1.19
C GLU A 474 -20.04 -8.88 2.47
N GLY A 475 -20.52 -7.68 2.78
CA GLY A 475 -21.38 -7.46 3.95
C GLY A 475 -21.19 -6.09 4.61
N GLU A 476 -21.58 -6.01 5.88
CA GLU A 476 -21.54 -4.76 6.63
C GLU A 476 -20.53 -4.87 7.75
N PRO A 477 -19.44 -4.08 7.69
CA PRO A 477 -18.40 -4.12 8.72
C PRO A 477 -18.94 -4.08 10.17
N GLY A 478 -18.51 -5.04 10.98
CA GLY A 478 -18.97 -5.14 12.36
C GLY A 478 -20.34 -5.76 12.55
N LYS A 479 -21.08 -6.01 11.47
CA LYS A 479 -22.47 -6.49 11.57
C LYS A 479 -22.67 -7.87 10.95
N TYR A 480 -22.31 -8.03 9.68
CA TYR A 480 -22.37 -9.33 9.03
C TYR A 480 -21.42 -9.44 7.85
N GLY A 481 -21.02 -10.66 7.55
CA GLY A 481 -20.15 -10.93 6.43
C GLY A 481 -20.53 -12.23 5.76
N ARG A 482 -20.27 -12.29 4.47
CA ARG A 482 -20.49 -13.51 3.71
C ARG A 482 -19.30 -13.80 2.80
N ALA A 483 -18.76 -14.99 2.93
CA ALA A 483 -17.67 -15.45 2.08
C ALA A 483 -18.25 -16.24 0.92
N LEU A 484 -18.08 -15.72 -0.29
CA LEU A 484 -18.51 -16.43 -1.49
C LEU A 484 -17.58 -17.62 -1.76
N PRO A 485 -18.07 -18.63 -2.49
CA PRO A 485 -17.16 -19.71 -2.86
C PRO A 485 -16.04 -19.19 -3.75
N PRO A 486 -14.83 -19.77 -3.64
CA PRO A 486 -13.74 -19.38 -4.55
C PRO A 486 -14.20 -19.44 -6.00
N MET A 487 -13.85 -18.44 -6.79
CA MET A 487 -14.25 -18.39 -8.19
C MET A 487 -13.09 -17.85 -9.04
N GLY A 488 -13.31 -17.81 -10.35
CA GLY A 488 -12.28 -17.33 -11.28
C GLY A 488 -11.92 -15.87 -11.04
N MET A 489 -10.73 -15.49 -11.51
CA MET A 489 -10.23 -14.14 -11.32
C MET A 489 -11.15 -13.08 -11.92
N ARG A 490 -11.61 -13.31 -13.15
CA ARG A 490 -12.50 -12.36 -13.82
C ARG A 490 -13.82 -12.20 -13.08
N GLU A 491 -14.51 -13.32 -12.83
CA GLU A 491 -15.79 -13.29 -12.11
C GLU A 491 -15.62 -12.66 -10.73
N GLY A 492 -14.57 -13.06 -10.01
CA GLY A 492 -14.31 -12.50 -8.68
C GLY A 492 -14.09 -11.00 -8.64
N MET A 493 -13.18 -10.51 -9.49
CA MET A 493 -12.89 -9.07 -9.52
C MET A 493 -14.06 -8.24 -10.06
N ASN A 494 -14.81 -8.78 -11.04
CA ASN A 494 -16.00 -8.09 -11.56
C ASN A 494 -16.99 -7.81 -10.46
N ARG A 495 -17.28 -8.85 -9.69
CA ARG A 495 -18.18 -8.74 -8.56
C ARG A 495 -17.72 -7.73 -7.53
N PHE A 496 -16.46 -7.79 -7.12
CA PHE A 496 -15.94 -6.84 -6.14
C PHE A 496 -15.94 -5.41 -6.67
N LEU A 497 -15.35 -5.21 -7.85
CA LEU A 497 -15.17 -3.88 -8.41
C LEU A 497 -16.49 -3.20 -8.78
N ALA A 498 -17.50 -3.99 -9.14
CA ALA A 498 -18.87 -3.48 -9.35
C ALA A 498 -19.37 -2.65 -8.15
N SER A 499 -19.04 -3.10 -6.93
CA SER A 499 -19.45 -2.40 -5.71
C SER A 499 -18.69 -1.10 -5.43
N ILE A 500 -17.60 -0.86 -6.17
CA ILE A 500 -16.81 0.37 -6.01
C ILE A 500 -16.96 1.29 -7.22
N GLY A 501 -17.26 0.73 -8.40
CA GLY A 501 -17.41 1.51 -9.61
C GLY A 501 -16.08 1.92 -10.22
N ILE A 502 -15.11 0.99 -10.22
CA ILE A 502 -13.81 1.24 -10.84
C ILE A 502 -13.48 0.07 -11.74
N THR A 503 -12.91 0.35 -12.90
CA THR A 503 -12.56 -0.68 -13.88
C THR A 503 -11.06 -0.72 -14.12
N PHE A 504 -10.56 -1.89 -14.50
CA PHE A 504 -9.16 -2.10 -14.85
C PHE A 504 -9.07 -2.76 -16.21
N ARG A 505 -8.05 -2.38 -16.96
CA ARG A 505 -7.73 -3.07 -18.21
C ARG A 505 -6.37 -3.75 -18.01
N ARG A 506 -5.88 -4.36 -19.07
CA ARG A 506 -4.58 -5.00 -19.07
C ARG A 506 -3.58 -4.16 -19.86
N ASP A 507 -2.34 -4.05 -19.36
CA ASP A 507 -1.27 -3.33 -20.05
C ASP A 507 -0.46 -4.34 -20.87
N PRO A 508 -0.44 -4.18 -22.22
CA PRO A 508 0.28 -5.14 -23.08
C PRO A 508 1.78 -5.27 -22.80
N ASP A 509 2.44 -4.18 -22.39
CA ASP A 509 3.89 -4.20 -22.19
C ASP A 509 4.28 -5.00 -20.95
N THR A 510 3.74 -4.65 -19.80
CA THR A 510 4.12 -5.31 -18.54
C THR A 510 3.17 -6.41 -18.10
N GLY A 511 1.99 -6.48 -18.71
CA GLY A 511 0.97 -7.44 -18.31
C GLY A 511 0.26 -7.10 -17.01
N ARG A 512 0.46 -5.87 -16.52
CA ARG A 512 -0.08 -5.46 -15.23
C ARG A 512 -1.51 -4.94 -15.39
N PRO A 513 -2.35 -5.12 -14.34
CA PRO A 513 -3.63 -4.43 -14.36
C PRO A 513 -3.40 -2.93 -14.38
N ARG A 514 -4.23 -2.24 -15.15
CA ARG A 514 -4.10 -0.81 -15.36
C ARG A 514 -5.47 -0.18 -15.14
N ALA A 515 -5.56 0.68 -14.14
CA ALA A 515 -6.82 1.30 -13.77
C ALA A 515 -7.24 2.34 -14.80
N ASN A 516 -8.53 2.33 -15.16
CA ASN A 516 -9.13 3.39 -15.97
C ASN A 516 -9.56 4.49 -15.04
N LYS A 517 -9.26 5.73 -15.42
CA LYS A 517 -9.62 6.86 -14.59
C LYS A 517 -11.10 7.15 -14.75
N GLU A 518 -11.70 7.73 -13.73
CA GLU A 518 -13.13 7.99 -13.75
C GLU A 518 -13.48 8.82 -14.96
N GLY A 519 -14.50 8.39 -15.70
CA GLY A 519 -15.00 9.16 -16.82
C GLY A 519 -14.26 8.94 -18.11
N SER A 520 -13.20 8.13 -18.09
CA SER A 520 -12.44 7.86 -19.31
C SER A 520 -13.28 7.01 -20.26
N VAL A 521 -12.85 6.93 -21.52
CA VAL A 521 -13.62 6.23 -22.54
C VAL A 521 -13.62 4.71 -22.31
N LYS A 522 -12.47 4.15 -21.93
CA LYS A 522 -12.39 2.71 -21.63
C LYS A 522 -13.24 2.36 -20.41
N ASP A 523 -13.27 3.26 -19.42
CA ASP A 523 -14.09 3.09 -18.22
C ASP A 523 -15.59 3.01 -18.55
N ARG A 524 -16.04 3.87 -19.48
CA ARG A 524 -17.44 3.85 -19.93
C ARG A 524 -17.80 2.58 -20.68
N GLU A 525 -16.95 2.22 -21.65
CA GLU A 525 -17.14 1.00 -22.44
C GLU A 525 -17.25 -0.21 -21.53
N GLN A 526 -16.32 -0.33 -20.59
CA GLN A 526 -16.28 -1.45 -19.66
C GLN A 526 -17.48 -1.47 -18.71
N LYS A 527 -17.87 -0.30 -18.20
CA LYS A 527 -19.01 -0.23 -17.27
C LYS A 527 -20.34 -0.60 -17.95
N GLU A 528 -20.48 -0.26 -19.24
CA GLU A 528 -21.67 -0.65 -19.99
C GLU A 528 -21.72 -2.17 -20.20
N LYS A 529 -20.60 -2.75 -20.61
CA LYS A 529 -20.49 -4.20 -20.76
C LYS A 529 -20.48 -4.95 -19.41
N GLY A 530 -20.24 -4.23 -18.32
CA GLY A 530 -20.16 -4.84 -16.99
C GLY A 530 -18.88 -5.64 -16.79
N GLU A 531 -17.84 -5.31 -17.56
CA GLU A 531 -16.57 -6.02 -17.52
C GLU A 531 -15.51 -5.14 -16.86
N TYR A 532 -15.42 -5.28 -15.55
CA TYR A 532 -14.61 -4.40 -14.72
C TYR A 532 -13.11 -4.78 -14.65
N TYR A 533 -12.75 -5.96 -15.13
CA TYR A 533 -11.39 -6.49 -14.92
C TYR A 533 -10.98 -7.49 -16.02
N TYR A 534 -9.83 -7.26 -16.63
CA TYR A 534 -9.29 -8.19 -17.63
C TYR A 534 -8.05 -8.94 -17.14
N ILE A 535 -7.77 -10.07 -17.79
CA ILE A 535 -6.57 -10.87 -17.52
C ILE A 535 -5.74 -11.00 -18.80
N SER B 5 6.57 10.36 17.81
CA SER B 5 6.71 11.21 19.03
C SER B 5 7.30 12.59 18.74
N GLU B 6 8.17 12.68 17.73
CA GLU B 6 8.90 13.92 17.41
C GLU B 6 7.98 15.14 17.34
N GLU B 7 8.43 16.26 17.90
CA GLU B 7 7.65 17.51 17.97
C GLU B 7 7.40 18.13 16.58
N GLU B 8 8.10 17.64 15.56
CA GLU B 8 7.78 17.95 14.17
C GLU B 8 6.35 17.51 13.82
N ALA B 9 5.96 16.35 14.34
CA ALA B 9 4.64 15.76 14.08
C ALA B 9 3.50 16.62 14.65
N LEU B 10 3.56 16.90 15.94
CA LEU B 10 2.53 17.70 16.61
C LEU B 10 2.30 19.04 15.92
N ALA B 11 3.36 19.59 15.33
CA ALA B 11 3.26 20.79 14.50
C ALA B 11 2.53 20.49 13.18
N GLY B 12 2.98 19.45 12.48
CA GLY B 12 2.39 19.06 11.20
C GLY B 12 0.91 18.71 11.29
N LEU B 13 0.55 17.95 12.33
CA LEU B 13 -0.81 17.45 12.49
C LEU B 13 -1.79 18.53 12.94
N SER B 14 -1.39 19.34 13.92
CA SER B 14 -2.23 20.44 14.41
C SER B 14 -2.54 21.45 13.30
N ALA B 15 -1.59 21.65 12.40
CA ALA B 15 -1.79 22.54 11.25
C ALA B 15 -2.91 22.03 10.33
N LEU B 16 -2.93 20.72 10.11
CA LEU B 16 -3.98 20.10 9.29
C LEU B 16 -5.36 20.23 9.95
N PHE B 17 -5.41 20.09 11.26
CA PHE B 17 -6.68 20.03 11.99
C PHE B 17 -7.08 21.36 12.64
N GLY B 18 -6.21 21.88 13.52
CA GLY B 18 -6.49 23.11 14.26
C GLY B 18 -6.81 24.29 13.36
PB ADP C . 10.87 7.98 2.77
O1B ADP C . 11.19 7.81 1.31
O2B ADP C . 10.76 6.67 3.52
O3B ADP C . 9.70 8.89 3.05
PA ADP C . 12.31 9.98 4.31
O1A ADP C . 12.34 11.21 3.46
O2A ADP C . 11.32 9.93 5.45
O3A ADP C . 12.20 8.68 3.35
O5' ADP C . 13.76 9.77 4.96
C5' ADP C . 14.90 9.42 4.16
C4' ADP C . 16.10 9.18 5.07
O4' ADP C . 16.44 10.38 5.75
C3' ADP C . 15.75 8.12 6.12
O3' ADP C . 16.61 7.00 5.99
C2' ADP C . 15.90 8.81 7.46
O2' ADP C . 16.71 8.04 8.34
C1' ADP C . 16.54 10.15 7.16
N9 ADP C . 15.82 11.21 7.92
C8 ADP C . 14.53 11.56 7.73
N7 ADP C . 14.17 12.55 8.58
C5 ADP C . 15.25 12.84 9.33
C6 ADP C . 15.54 13.80 10.41
N6 ADP C . 14.57 14.63 10.85
N1 ADP C . 16.80 13.81 10.94
C2 ADP C . 17.76 12.97 10.49
N3 ADP C . 17.56 12.07 9.50
C4 ADP C . 16.34 11.97 8.89
PB ADP D . -11.46 -8.68 8.67
O1B ADP D . -10.26 -9.58 8.83
O2B ADP D . -12.26 -8.95 7.42
O3B ADP D . -11.21 -7.21 8.86
PA ADP D . -12.26 -9.91 11.18
O1A ADP D . -12.55 -11.35 10.89
O2A ADP D . -10.99 -9.55 11.91
O3A ADP D . -12.50 -9.05 9.85
O5' ADP D . -13.47 -9.34 12.08
C5' ADP D . -14.84 -9.65 11.79
C4' ADP D . -15.73 -9.03 12.87
O4' ADP D . -15.68 -9.88 14.01
C3' ADP D . -15.24 -7.66 13.31
O3' ADP D . -16.35 -6.79 13.56
C2' ADP D . -14.48 -7.92 14.59
O2' ADP D . -14.61 -6.80 15.47
C1' ADP D . -15.16 -9.16 15.15
N9 ADP D . -14.29 -10.07 15.91
C8 ADP D . -13.19 -10.71 15.45
N7 ADP D . -12.67 -11.50 16.44
C5 ADP D . -13.43 -11.37 17.52
C6 ADP D . -13.45 -11.92 18.90
N6 ADP D . -12.49 -12.79 19.29
N1 ADP D . -14.45 -11.53 19.71
C2 ADP D . -15.40 -10.65 19.33
N3 ADP D . -15.44 -10.12 18.09
C4 ADP D . -14.51 -10.43 17.17
MG MG E . 7.87 8.67 3.95
MG MG F . -8.28 -9.12 9.07
#